data_1TX2
#
_entry.id   1TX2
#
_cell.length_a   98.387
_cell.length_b   98.387
_cell.length_c   263.235
_cell.angle_alpha   90.00
_cell.angle_beta   90.00
_cell.angle_gamma   120.00
#
_symmetry.space_group_name_H-M   'P 62 2 2'
#
loop_
_entity.id
_entity.type
_entity.pdbx_description
1 polymer 'DHPS, Dihydropteroate synthase'
2 non-polymer 'SULFATE ION'
3 non-polymer 6-METHYLAMINO-5-NITROISOCYTOSINE
4 water water
#
_entity_poly.entity_id   1
_entity_poly.type   'polypeptide(L)'
_entity_poly.pdbx_seq_one_letter_code
;MGSSHHHHHHSSGLVPRGSHMKWDYDLRCGEYTLNLNEKTLIMGILNVTPDSFSDGGSYNEVDAAVRHAKEMRDEGAHII
DIGGESTRPGFAKVSVEEEIKRVVPMIQAVSKEVKLPISIDTYKAEVAKQAIEAGAHIINDIWGAKAEPKIAEVAAHYDV
PIILMHNRDNMNYRNLMADMIADLYDSIKIAKDAGVRDENIILDPGIGFAKTPEQNLEAMRNLEQLNVLGYPVLLGTSRK
SFIGHVLDLPVEERLEGTGATVCLGIEKGCEFVRVHDVKEMSRMAKMMDAMIGKGVK
;
_entity_poly.pdbx_strand_id   A,B
#
# COMPACT_ATOMS: atom_id res chain seq x y z
N LYS A 22 -10.52 -34.73 20.73
CA LYS A 22 -11.66 -33.93 21.35
C LYS A 22 -12.62 -33.53 20.24
N TRP A 23 -12.10 -33.06 19.10
CA TRP A 23 -12.98 -32.62 18.06
C TRP A 23 -12.94 -33.61 16.88
N ASP A 24 -14.09 -34.04 16.40
CA ASP A 24 -14.12 -34.98 15.28
C ASP A 24 -14.34 -34.30 13.95
N TYR A 25 -14.11 -33.00 13.90
CA TYR A 25 -14.17 -32.24 12.67
C TYR A 25 -13.10 -31.18 12.72
N ASP A 26 -12.65 -30.72 11.56
CA ASP A 26 -11.83 -29.50 11.43
C ASP A 26 -12.76 -28.31 11.07
N LEU A 27 -12.32 -27.08 11.34
CA LEU A 27 -13.05 -25.87 10.94
C LEU A 27 -12.76 -25.57 9.51
N ARG A 28 -13.79 -25.65 8.69
CA ARG A 28 -13.64 -25.46 7.28
C ARG A 28 -13.80 -23.99 7.00
N CYS A 29 -12.74 -23.37 6.47
CA CYS A 29 -12.71 -21.93 6.20
C CYS A 29 -12.42 -21.68 4.71
N GLY A 30 -13.14 -22.39 3.85
CA GLY A 30 -13.03 -22.22 2.41
C GLY A 30 -11.71 -22.77 1.94
N GLU A 31 -10.85 -21.90 1.45
CA GLU A 31 -9.53 -22.35 1.01
C GLU A 31 -8.63 -22.79 2.15
N TYR A 32 -8.95 -22.40 3.39
CA TYR A 32 -8.16 -22.80 4.55
C TYR A 32 -8.95 -23.75 5.43
N THR A 33 -8.22 -24.59 6.15
CA THR A 33 -8.78 -25.49 7.13
C THR A 33 -8.00 -25.35 8.44
N LEU A 34 -8.73 -25.19 9.56
CA LEU A 34 -8.10 -25.12 10.85
C LEU A 34 -8.40 -26.39 11.65
N ASN A 35 -7.36 -27.09 12.07
CA ASN A 35 -7.48 -28.24 12.94
C ASN A 35 -7.68 -27.78 14.38
N LEU A 36 -8.64 -28.33 15.10
CA LEU A 36 -8.96 -27.86 16.47
C LEU A 36 -8.26 -28.68 17.52
N ASN A 37 -7.60 -29.74 17.09
CA ASN A 37 -6.95 -30.68 18.03
C ASN A 37 -5.42 -30.51 18.18
N GLU A 38 -4.78 -29.93 17.19
CA GLU A 38 -3.32 -29.93 17.08
C GLU A 38 -2.65 -28.88 18.01
N LYS A 39 -3.24 -27.70 18.07
CA LYS A 39 -2.67 -26.57 18.82
C LYS A 39 -3.72 -25.54 19.10
N THR A 40 -3.44 -24.69 20.07
CA THR A 40 -4.30 -23.58 20.31
C THR A 40 -4.16 -22.60 19.15
N LEU A 41 -5.29 -22.13 18.63
CA LEU A 41 -5.24 -21.28 17.46
C LEU A 41 -5.17 -19.81 17.89
N ILE A 42 -4.25 -19.07 17.25
CA ILE A 42 -3.97 -17.70 17.58
C ILE A 42 -4.67 -16.76 16.59
N MET A 43 -5.62 -15.96 17.08
CA MET A 43 -6.25 -14.91 16.26
C MET A 43 -5.60 -13.58 16.58
N GLY A 44 -4.95 -12.97 15.59
CA GLY A 44 -4.26 -11.71 15.72
C GLY A 44 -5.17 -10.58 15.45
N ILE A 45 -5.13 -9.57 16.27
CA ILE A 45 -5.99 -8.42 16.12
C ILE A 45 -5.34 -7.38 15.22
N LEU A 46 -5.91 -7.19 14.04
CA LEU A 46 -5.36 -6.22 13.08
C LEU A 46 -5.56 -4.80 13.52
N ASN A 47 -4.48 -4.03 13.48
CA ASN A 47 -4.68 -2.65 13.76
C ASN A 47 -5.06 -1.92 12.45
N VAL A 48 -6.08 -1.13 12.62
CA VAL A 48 -6.91 -0.80 11.50
C VAL A 48 -7.13 0.70 11.40
N THR A 49 -6.20 1.44 12.03
CA THR A 49 -6.28 2.90 12.15
C THR A 49 -6.58 3.65 10.84
N PRO A 50 -7.71 4.34 10.77
CA PRO A 50 -8.07 5.07 9.55
C PRO A 50 -7.32 6.38 9.34
N ASP A 51 -7.11 6.69 8.07
CA ASP A 51 -6.64 8.00 7.65
C ASP A 51 -7.76 9.03 7.84
N SER A 52 -7.43 10.23 8.31
CA SER A 52 -8.42 11.24 8.66
C SER A 52 -9.14 11.90 7.50
N PHE A 53 -8.52 11.98 6.30
CA PHE A 53 -9.14 12.67 5.17
C PHE A 53 -9.59 11.70 4.07
N SER A 54 -10.10 10.55 4.47
CA SER A 54 -10.39 9.50 3.52
C SER A 54 -11.61 8.79 4.07
N ASP A 55 -12.33 8.09 3.22
CA ASP A 55 -13.37 7.19 3.74
C ASP A 55 -13.18 5.81 3.08
N GLY A 56 -11.92 5.43 2.91
CA GLY A 56 -11.49 4.87 1.60
C GLY A 56 -10.60 3.70 1.81
N GLY A 57 -10.08 3.16 0.75
CA GLY A 57 -9.08 2.15 0.97
C GLY A 57 -7.90 2.99 0.51
N SER A 58 -7.51 3.98 1.32
CA SER A 58 -6.39 4.86 0.99
C SER A 58 -5.12 4.13 1.21
N TYR A 59 -4.06 4.53 0.49
CA TYR A 59 -2.84 3.79 0.61
C TYR A 59 -2.28 3.69 2.00
N ASN A 60 -2.17 4.80 2.71
CA ASN A 60 -1.56 4.75 4.03
C ASN A 60 -2.28 3.79 4.96
N GLU A 61 -3.61 3.84 4.98
CA GLU A 61 -4.34 3.06 5.96
C GLU A 61 -4.29 1.56 5.59
N VAL A 62 -4.41 1.23 4.30
CA VAL A 62 -4.42 -0.15 3.87
C VAL A 62 -3.03 -0.74 3.93
N ASP A 63 -2.03 0.01 3.50
CA ASP A 63 -0.67 -0.47 3.56
C ASP A 63 -0.25 -0.77 5.00
N ALA A 64 -0.60 0.11 5.93
CA ALA A 64 -0.30 -0.15 7.34
C ALA A 64 -0.96 -1.44 7.87
N ALA A 65 -2.22 -1.66 7.53
CA ALA A 65 -2.93 -2.89 7.84
C ALA A 65 -2.28 -4.12 7.22
N VAL A 66 -1.94 -4.07 5.92
CA VAL A 66 -1.27 -5.20 5.32
C VAL A 66 0.08 -5.52 5.98
N ARG A 67 0.85 -4.50 6.34
CA ARG A 67 2.14 -4.72 6.99
C ARG A 67 1.92 -5.40 8.32
N HIS A 68 0.90 -4.98 9.02
CA HIS A 68 0.63 -5.51 10.34
C HIS A 68 0.16 -6.96 10.23
N ALA A 69 -0.65 -7.29 9.20
CA ALA A 69 -1.11 -8.66 8.99
C ALA A 69 0.07 -9.56 8.68
N LYS A 70 1.01 -9.05 7.89
CA LYS A 70 2.21 -9.82 7.55
C LYS A 70 3.06 -10.11 8.77
N GLU A 71 3.23 -9.12 9.62
CA GLU A 71 4.01 -9.29 10.83
C GLU A 71 3.34 -10.33 11.75
N MET A 72 2.04 -10.25 11.92
CA MET A 72 1.37 -11.24 12.78
C MET A 72 1.46 -12.65 12.21
N ARG A 73 1.36 -12.77 10.88
CA ARG A 73 1.57 -14.06 10.25
C ARG A 73 2.97 -14.59 10.55
N ASP A 74 3.99 -13.74 10.41
CA ASP A 74 5.38 -14.18 10.62
C ASP A 74 5.63 -14.54 12.08
N GLU A 75 4.81 -14.01 13.00
CA GLU A 75 5.03 -14.31 14.43
C GLU A 75 4.17 -15.42 15.01
N GLY A 76 3.35 -16.04 14.16
CA GLY A 76 2.62 -17.26 14.46
C GLY A 76 1.08 -17.16 14.49
N ALA A 77 0.52 -16.10 13.94
CA ALA A 77 -0.94 -16.01 13.90
C ALA A 77 -1.55 -17.03 12.94
N HIS A 78 -2.75 -17.52 13.28
CA HIS A 78 -3.50 -18.43 12.45
C HIS A 78 -4.73 -17.81 11.77
N ILE A 79 -5.23 -16.71 12.31
CA ILE A 79 -6.38 -16.01 11.79
C ILE A 79 -6.07 -14.52 11.98
N ILE A 80 -6.57 -13.68 11.12
CA ILE A 80 -6.45 -12.23 11.26
C ILE A 80 -7.84 -11.62 11.42
N ASP A 81 -8.08 -10.94 12.52
CA ASP A 81 -9.37 -10.33 12.85
C ASP A 81 -9.37 -8.87 12.46
N ILE A 82 -10.32 -8.54 11.61
CA ILE A 82 -10.39 -7.22 10.96
C ILE A 82 -11.73 -6.57 11.24
N GLY A 83 -11.71 -5.37 11.79
CA GLY A 83 -12.92 -4.60 11.97
C GLY A 83 -12.91 -3.19 11.36
N GLY A 84 -14.09 -2.59 11.31
CA GLY A 84 -14.28 -1.26 10.74
C GLY A 84 -14.75 -0.14 11.67
N GLU A 85 -15.27 -0.44 12.87
CA GLU A 85 -15.39 0.59 13.92
C GLU A 85 -14.50 0.18 15.11
N SER A 86 -14.34 1.10 16.10
CA SER A 86 -13.55 0.85 17.33
C SER A 86 -13.69 2.01 18.32
N PHE A 91 -10.51 7.71 15.68
CA PHE A 91 -11.47 7.00 14.86
C PHE A 91 -12.71 7.88 14.66
N ALA A 92 -12.89 8.39 13.44
CA ALA A 92 -14.08 9.17 13.11
C ALA A 92 -15.37 8.31 13.18
N LYS A 93 -16.48 8.87 13.67
CA LYS A 93 -17.79 8.17 13.69
C LYS A 93 -18.17 7.77 12.26
N VAL A 94 -18.84 6.63 12.12
CA VAL A 94 -19.14 6.04 10.81
C VAL A 94 -20.53 5.34 10.77
N SER A 95 -21.26 5.58 9.67
CA SER A 95 -22.49 4.84 9.36
C SER A 95 -22.14 3.45 8.83
N VAL A 96 -23.14 2.61 8.63
CA VAL A 96 -22.93 1.30 8.03
C VAL A 96 -22.19 1.37 6.68
N GLU A 97 -22.62 2.28 5.80
CA GLU A 97 -22.01 2.42 4.46
C GLU A 97 -20.54 2.78 4.63
N GLU A 98 -20.26 3.66 5.60
CA GLU A 98 -18.90 4.12 5.86
C GLU A 98 -18.02 2.98 6.43
N GLU A 99 -18.63 2.12 7.24
CA GLU A 99 -17.95 0.99 7.87
C GLU A 99 -17.56 -0.02 6.79
N ILE A 100 -18.43 -0.24 5.85
CA ILE A 100 -18.15 -1.17 4.77
C ILE A 100 -17.01 -0.61 3.90
N LYS A 101 -17.08 0.66 3.55
CA LYS A 101 -16.03 1.29 2.75
C LYS A 101 -14.65 1.26 3.41
N ARG A 102 -14.62 1.19 4.73
CA ARG A 102 -13.36 1.03 5.44
C ARG A 102 -12.85 -0.41 5.41
N VAL A 103 -13.75 -1.36 5.68
CA VAL A 103 -13.30 -2.70 5.95
C VAL A 103 -13.06 -3.49 4.69
N VAL A 104 -13.87 -3.25 3.64
CA VAL A 104 -13.75 -4.03 2.41
C VAL A 104 -12.36 -3.94 1.78
N PRO A 105 -11.78 -2.74 1.63
CA PRO A 105 -10.45 -2.65 1.03
C PRO A 105 -9.39 -3.30 1.83
N MET A 106 -9.57 -3.27 3.13
CA MET A 106 -8.65 -3.95 3.98
C MET A 106 -8.72 -5.48 3.83
N ILE A 107 -9.93 -6.02 3.81
CA ILE A 107 -10.13 -7.43 3.59
C ILE A 107 -9.59 -7.87 2.22
N GLN A 108 -9.88 -7.10 1.20
CA GLN A 108 -9.38 -7.39 -0.14
C GLN A 108 -7.86 -7.48 -0.19
N ALA A 109 -7.17 -6.50 0.36
CA ALA A 109 -5.70 -6.49 0.32
C ALA A 109 -5.06 -7.54 1.21
N VAL A 110 -5.53 -7.66 2.45
CA VAL A 110 -5.03 -8.70 3.31
C VAL A 110 -5.30 -10.07 2.68
N SER A 111 -6.47 -10.28 2.14
CA SER A 111 -6.79 -11.60 1.61
C SER A 111 -5.93 -11.96 0.40
N LYS A 112 -5.55 -10.97 -0.43
CA LYS A 112 -4.62 -11.17 -1.53
C LYS A 112 -3.20 -11.42 -1.07
N GLU A 113 -2.74 -10.72 -0.03
CA GLU A 113 -1.32 -10.66 0.32
C GLU A 113 -0.87 -11.53 1.48
N VAL A 114 -1.82 -11.95 2.32
CA VAL A 114 -1.50 -12.74 3.52
C VAL A 114 -2.35 -14.00 3.48
N LYS A 115 -1.72 -15.18 3.41
CA LYS A 115 -2.44 -16.44 3.25
C LYS A 115 -2.89 -17.03 4.60
N LEU A 116 -3.86 -16.37 5.19
CA LEU A 116 -4.48 -16.79 6.44
C LEU A 116 -5.97 -16.48 6.34
N PRO A 117 -6.80 -17.22 7.05
CA PRO A 117 -8.20 -16.83 7.12
C PRO A 117 -8.36 -15.53 7.89
N ILE A 118 -9.39 -14.81 7.50
CA ILE A 118 -9.76 -13.57 8.02
C ILE A 118 -11.10 -13.73 8.69
N SER A 119 -11.21 -13.14 9.89
CA SER A 119 -12.47 -12.92 10.54
C SER A 119 -12.88 -11.47 10.43
N ILE A 120 -14.18 -11.27 10.17
CA ILE A 120 -14.77 -9.95 10.12
C ILE A 120 -15.40 -9.69 11.50
N ASP A 121 -14.87 -8.68 12.18
CA ASP A 121 -15.43 -8.16 13.45
C ASP A 121 -16.57 -7.19 13.17
N THR A 122 -17.78 -7.73 13.23
CA THR A 122 -19.01 -6.95 13.04
C THR A 122 -20.22 -7.69 13.66
N TYR A 123 -21.16 -6.92 14.16
CA TYR A 123 -22.47 -7.41 14.62
C TYR A 123 -23.59 -7.06 13.62
N LYS A 124 -23.20 -6.55 12.45
CA LYS A 124 -24.21 -6.03 11.48
C LYS A 124 -24.28 -6.97 10.28
N ALA A 125 -25.49 -7.39 9.91
CA ALA A 125 -25.65 -8.40 8.87
C ALA A 125 -25.07 -7.97 7.50
N GLU A 126 -25.27 -6.72 7.15
CA GLU A 126 -24.83 -6.23 5.84
C GLU A 126 -23.32 -6.12 5.76
N VAL A 127 -22.70 -5.69 6.84
CA VAL A 127 -21.23 -5.65 6.88
C VAL A 127 -20.69 -7.06 6.72
N ALA A 128 -21.29 -8.03 7.42
CA ALA A 128 -20.81 -9.39 7.35
C ALA A 128 -20.86 -9.87 5.89
N LYS A 129 -21.98 -9.60 5.26
CA LYS A 129 -22.22 -10.10 3.93
C LYS A 129 -21.20 -9.55 2.95
N GLN A 130 -21.00 -8.23 2.99
CA GLN A 130 -20.01 -7.59 2.07
C GLN A 130 -18.61 -7.99 2.40
N ALA A 131 -18.34 -8.23 3.70
CA ALA A 131 -16.98 -8.63 4.08
C ALA A 131 -16.68 -10.02 3.54
N ILE A 132 -17.66 -10.92 3.61
CA ILE A 132 -17.46 -12.26 3.07
C ILE A 132 -17.26 -12.18 1.56
N GLU A 133 -18.07 -11.35 0.92
CA GLU A 133 -17.94 -11.16 -0.53
C GLU A 133 -16.54 -10.62 -0.85
N ALA A 134 -15.96 -9.85 0.09
CA ALA A 134 -14.66 -9.28 -0.18
C ALA A 134 -13.57 -10.27 0.09
N GLY A 135 -13.86 -11.37 0.76
CA GLY A 135 -12.84 -12.35 1.03
C GLY A 135 -12.77 -12.87 2.48
N ALA A 136 -13.59 -12.37 3.39
CA ALA A 136 -13.55 -12.85 4.80
C ALA A 136 -14.10 -14.29 4.91
N HIS A 137 -13.60 -15.03 5.89
CA HIS A 137 -13.84 -16.47 6.05
C HIS A 137 -14.68 -16.80 7.27
N ILE A 138 -14.70 -15.91 8.25
CA ILE A 138 -15.32 -16.12 9.57
C ILE A 138 -15.99 -14.88 10.01
N ILE A 139 -17.17 -15.00 10.63
CA ILE A 139 -17.85 -13.86 11.18
C ILE A 139 -17.59 -13.86 12.71
N ASN A 140 -17.11 -12.74 13.20
CA ASN A 140 -16.80 -12.53 14.63
C ASN A 140 -17.79 -11.52 15.23
N ASP A 141 -18.80 -12.01 15.93
CA ASP A 141 -19.91 -11.14 16.36
C ASP A 141 -19.95 -10.92 17.87
N ILE A 142 -19.61 -9.70 18.26
CA ILE A 142 -19.63 -9.32 19.70
C ILE A 142 -21.02 -9.27 20.34
N TRP A 143 -22.09 -9.24 19.56
CA TRP A 143 -23.44 -9.40 20.09
C TRP A 143 -24.11 -10.78 19.90
N GLY A 144 -23.34 -11.78 19.45
CA GLY A 144 -23.83 -13.17 19.37
C GLY A 144 -25.15 -13.35 18.63
N ALA A 145 -25.27 -12.63 17.52
CA ALA A 145 -26.40 -12.67 16.60
C ALA A 145 -27.62 -12.07 17.27
N LYS A 146 -27.46 -11.38 18.39
CA LYS A 146 -28.60 -10.76 19.04
C LYS A 146 -28.86 -9.31 18.62
N ALA A 147 -27.86 -8.60 18.13
CA ALA A 147 -28.08 -7.19 17.78
C ALA A 147 -28.80 -7.15 16.44
N GLU A 148 -28.36 -8.02 15.53
CA GLU A 148 -28.95 -8.18 14.20
C GLU A 148 -29.04 -9.66 13.85
N PRO A 149 -30.13 -10.34 14.26
CA PRO A 149 -30.26 -11.79 14.01
C PRO A 149 -30.07 -12.26 12.55
N LYS A 150 -30.29 -11.38 11.58
CA LYS A 150 -30.04 -11.69 10.15
C LYS A 150 -28.56 -12.04 9.88
N ILE A 151 -27.67 -11.64 10.78
CA ILE A 151 -26.30 -12.05 10.61
C ILE A 151 -26.15 -13.54 10.62
N ALA A 152 -27.03 -14.24 11.32
CA ALA A 152 -26.96 -15.72 11.32
C ALA A 152 -27.47 -16.27 10.01
N GLU A 153 -28.41 -15.58 9.38
CA GLU A 153 -28.84 -15.93 8.01
C GLU A 153 -27.71 -15.78 6.98
N VAL A 154 -26.95 -14.69 7.11
CA VAL A 154 -25.75 -14.48 6.31
C VAL A 154 -24.78 -15.59 6.56
N ALA A 155 -24.49 -15.88 7.84
CA ALA A 155 -23.59 -16.99 8.15
C ALA A 155 -24.06 -18.29 7.51
N ALA A 156 -25.36 -18.61 7.64
CA ALA A 156 -25.81 -19.93 7.17
C ALA A 156 -25.71 -20.03 5.65
N HIS A 157 -26.06 -18.96 4.98
CA HIS A 157 -26.00 -18.95 3.54
C HIS A 157 -24.58 -19.16 2.94
N TYR A 158 -23.55 -18.53 3.54
CA TYR A 158 -22.19 -18.59 3.00
C TYR A 158 -21.44 -19.74 3.62
N ASP A 159 -22.08 -20.38 4.61
CA ASP A 159 -21.58 -21.60 5.19
C ASP A 159 -20.25 -21.32 5.89
N VAL A 160 -20.17 -20.18 6.56
CA VAL A 160 -18.95 -19.81 7.28
C VAL A 160 -19.11 -19.97 8.78
N PRO A 161 -17.97 -20.18 9.47
CA PRO A 161 -18.00 -20.17 10.93
C PRO A 161 -18.42 -18.84 11.47
N ILE A 162 -19.15 -18.85 12.58
CA ILE A 162 -19.52 -17.61 13.24
C ILE A 162 -19.16 -17.77 14.72
N ILE A 163 -18.57 -16.73 15.25
CA ILE A 163 -18.26 -16.65 16.67
C ILE A 163 -19.38 -15.88 17.33
N LEU A 164 -20.00 -16.52 18.31
CA LEU A 164 -21.07 -15.96 19.12
C LEU A 164 -20.56 -15.61 20.48
N MET A 165 -20.31 -14.32 20.69
CA MET A 165 -19.76 -13.87 21.95
C MET A 165 -20.89 -13.59 22.95
N HIS A 166 -20.64 -13.88 24.21
CA HIS A 166 -21.54 -13.44 25.29
C HIS A 166 -21.47 -11.92 25.47
N ASN A 167 -22.62 -11.30 25.47
CA ASN A 167 -22.70 -9.87 25.70
C ASN A 167 -24.16 -9.59 26.14
N ARG A 168 -24.36 -8.47 26.83
CA ARG A 168 -25.65 -8.02 27.30
C ARG A 168 -25.61 -6.52 27.45
N ASP A 169 -26.80 -5.90 27.47
CA ASP A 169 -26.90 -4.45 27.62
C ASP A 169 -26.99 -4.06 29.09
N ASN A 170 -26.72 -4.99 30.00
CA ASN A 170 -26.82 -4.80 31.44
C ASN A 170 -25.98 -5.81 32.22
N MET A 171 -25.67 -5.51 33.48
CA MET A 171 -24.93 -6.46 34.32
C MET A 171 -25.72 -7.11 35.42
N ASN A 172 -27.02 -7.24 35.21
CA ASN A 172 -27.86 -7.80 36.25
C ASN A 172 -27.97 -9.31 36.31
N TYR A 173 -26.89 -9.93 36.76
CA TYR A 173 -26.85 -11.36 36.84
C TYR A 173 -27.48 -11.82 38.14
N ARG A 174 -28.20 -12.92 38.03
CA ARG A 174 -28.67 -13.64 39.17
C ARG A 174 -27.51 -14.55 39.58
N ASN A 175 -26.90 -15.18 38.58
CA ASN A 175 -25.84 -16.10 38.78
C ASN A 175 -24.93 -16.16 37.53
N LEU A 176 -23.79 -15.51 37.62
CA LEU A 176 -22.98 -15.17 36.45
C LEU A 176 -22.83 -16.31 35.45
N MET A 177 -22.30 -17.45 35.87
CA MET A 177 -21.96 -18.50 34.92
C MET A 177 -23.20 -19.17 34.34
N ALA A 178 -24.19 -19.43 35.20
CA ALA A 178 -25.45 -20.00 34.76
C ALA A 178 -26.11 -19.05 33.78
N ASP A 179 -26.08 -17.76 34.10
CA ASP A 179 -26.65 -16.80 33.18
C ASP A 179 -25.86 -16.68 31.85
N MET A 180 -24.52 -16.71 31.88
CA MET A 180 -23.73 -16.67 30.64
C MET A 180 -24.10 -17.85 29.74
N ILE A 181 -24.22 -19.02 30.33
CA ILE A 181 -24.51 -20.21 29.55
C ILE A 181 -25.90 -20.13 28.95
N ALA A 182 -26.89 -19.64 29.70
CA ALA A 182 -28.24 -19.44 29.16
C ALA A 182 -28.23 -18.44 27.99
N ASP A 183 -27.56 -17.31 28.22
CA ASP A 183 -27.44 -16.25 27.21
C ASP A 183 -26.78 -16.81 25.94
N LEU A 184 -25.74 -17.62 26.10
CA LEU A 184 -25.04 -18.19 24.94
C LEU A 184 -25.91 -19.19 24.26
N TYR A 185 -26.68 -19.96 25.02
CA TYR A 185 -27.59 -20.86 24.38
C TYR A 185 -28.63 -20.09 23.55
N ASP A 186 -29.13 -18.96 24.05
CA ASP A 186 -30.03 -18.13 23.24
C ASP A 186 -29.36 -17.75 21.90
N SER A 187 -28.08 -17.44 21.89
CA SER A 187 -27.36 -17.13 20.63
C SER A 187 -27.27 -18.34 19.71
N ILE A 188 -27.02 -19.49 20.29
CA ILE A 188 -26.91 -20.77 19.55
C ILE A 188 -28.27 -21.05 18.90
N LYS A 189 -29.35 -20.83 19.66
CA LYS A 189 -30.67 -21.07 19.08
C LYS A 189 -30.97 -20.15 17.86
N ILE A 190 -30.62 -18.86 17.98
CA ILE A 190 -30.79 -17.94 16.86
C ILE A 190 -30.01 -18.44 15.64
N ALA A 191 -28.77 -18.87 15.83
CA ALA A 191 -27.97 -19.37 14.71
C ALA A 191 -28.51 -20.67 14.08
N LYS A 192 -28.86 -21.64 14.90
CA LYS A 192 -29.35 -22.94 14.42
C LYS A 192 -30.71 -22.75 13.72
N ASP A 193 -31.53 -21.88 14.27
CA ASP A 193 -32.83 -21.62 13.66
C ASP A 193 -32.67 -20.99 12.29
N ALA A 194 -31.60 -20.23 12.08
CA ALA A 194 -31.28 -19.67 10.73
C ALA A 194 -30.60 -20.67 9.81
N GLY A 195 -30.23 -21.84 10.32
CA GLY A 195 -29.62 -22.85 9.47
C GLY A 195 -28.10 -22.97 9.66
N VAL A 196 -27.55 -22.27 10.64
CA VAL A 196 -26.13 -22.49 10.90
C VAL A 196 -25.89 -23.91 11.44
N ARG A 197 -24.96 -24.63 10.80
CA ARG A 197 -24.58 -25.96 11.19
C ARG A 197 -23.76 -25.94 12.51
N ASP A 198 -23.84 -26.99 13.31
CA ASP A 198 -23.09 -27.04 14.57
C ASP A 198 -21.59 -26.79 14.39
N GLU A 199 -21.05 -27.39 13.32
CA GLU A 199 -19.63 -27.27 13.02
C GLU A 199 -19.12 -25.83 12.72
N ASN A 200 -20.05 -24.94 12.41
CA ASN A 200 -19.75 -23.57 12.16
C ASN A 200 -20.02 -22.67 13.35
N ILE A 201 -20.22 -23.20 14.55
CA ILE A 201 -20.46 -22.35 15.72
C ILE A 201 -19.25 -22.36 16.61
N ILE A 202 -18.78 -21.18 17.04
CA ILE A 202 -17.74 -21.03 18.05
C ILE A 202 -18.34 -20.10 19.10
N LEU A 203 -18.05 -20.34 20.36
CA LEU A 203 -18.53 -19.49 21.45
C LEU A 203 -17.43 -18.74 22.08
N ASP A 204 -17.78 -17.68 22.79
CA ASP A 204 -16.79 -16.85 23.48
C ASP A 204 -17.46 -16.24 24.70
N PRO A 205 -16.83 -16.31 25.86
CA PRO A 205 -17.44 -15.78 27.06
C PRO A 205 -17.55 -14.26 27.15
N GLY A 206 -17.03 -13.50 26.21
CA GLY A 206 -17.11 -12.06 26.31
C GLY A 206 -16.46 -11.43 27.52
N ILE A 207 -15.24 -11.84 27.80
CA ILE A 207 -14.50 -11.23 28.88
C ILE A 207 -14.37 -9.74 28.59
N GLY A 208 -14.74 -8.94 29.57
CA GLY A 208 -14.71 -7.48 29.48
C GLY A 208 -15.96 -6.84 28.87
N PHE A 209 -17.01 -7.63 28.62
CA PHE A 209 -18.26 -7.14 28.14
C PHE A 209 -19.36 -7.45 29.14
N ALA A 210 -20.07 -6.40 29.58
CA ALA A 210 -21.22 -6.50 30.51
C ALA A 210 -20.87 -7.20 31.81
N LYS A 211 -19.60 -7.04 32.23
CA LYS A 211 -19.11 -7.68 33.44
C LYS A 211 -18.31 -6.69 34.24
N THR A 212 -18.42 -6.77 35.57
CA THR A 212 -17.53 -6.05 36.44
C THR A 212 -16.15 -6.66 36.37
N PRO A 213 -15.13 -5.97 36.88
CA PRO A 213 -13.82 -6.61 36.97
C PRO A 213 -13.88 -7.93 37.76
N GLU A 214 -14.63 -7.93 38.85
CA GLU A 214 -14.80 -9.12 39.70
C GLU A 214 -15.49 -10.28 38.92
N GLN A 215 -16.48 -9.94 38.13
CA GLN A 215 -17.18 -10.91 37.30
C GLN A 215 -16.28 -11.46 36.18
N ASN A 216 -15.39 -10.64 35.62
CA ASN A 216 -14.46 -11.11 34.58
C ASN A 216 -13.52 -12.14 35.21
N LEU A 217 -13.07 -11.86 36.42
CA LEU A 217 -12.24 -12.87 37.16
C LEU A 217 -13.00 -14.17 37.47
N GLU A 218 -14.24 -14.06 37.93
CA GLU A 218 -15.08 -15.23 38.17
C GLU A 218 -15.27 -16.06 36.89
N ALA A 219 -15.46 -15.38 35.76
CA ALA A 219 -15.65 -16.05 34.48
C ALA A 219 -14.40 -16.82 34.05
N MET A 220 -13.25 -16.16 34.17
CA MET A 220 -11.97 -16.83 33.97
C MET A 220 -11.83 -18.07 34.85
N ARG A 221 -12.16 -17.96 36.13
CA ARG A 221 -11.97 -19.03 37.10
C ARG A 221 -12.86 -20.23 36.75
N ASN A 222 -13.95 -19.97 36.04
CA ASN A 222 -14.98 -20.97 35.72
C ASN A 222 -15.22 -21.27 34.26
N LEU A 223 -14.27 -20.85 33.41
CA LEU A 223 -14.36 -20.93 31.99
C LEU A 223 -14.64 -22.32 31.45
N GLU A 224 -14.20 -23.35 32.14
CA GLU A 224 -14.40 -24.74 31.69
C GLU A 224 -15.87 -25.12 31.66
N GLN A 225 -16.73 -24.41 32.41
CA GLN A 225 -18.19 -24.70 32.30
C GLN A 225 -18.72 -24.54 30.87
N LEU A 226 -18.14 -23.64 30.08
CA LEU A 226 -18.67 -23.37 28.76
C LEU A 226 -18.52 -24.59 27.88
N ASN A 227 -17.59 -25.45 28.21
CA ASN A 227 -17.37 -26.65 27.43
C ASN A 227 -18.56 -27.66 27.38
N VAL A 228 -19.48 -27.56 28.34
CA VAL A 228 -20.67 -28.41 28.35
C VAL A 228 -21.55 -28.15 27.14
N LEU A 229 -21.48 -26.94 26.52
CA LEU A 229 -22.38 -26.66 25.41
C LEU A 229 -21.97 -27.42 24.11
N GLY A 230 -20.74 -27.89 24.09
CA GLY A 230 -20.24 -28.76 23.03
C GLY A 230 -19.62 -28.08 21.82
N TYR A 231 -19.33 -26.79 21.91
CA TYR A 231 -18.72 -26.07 20.80
C TYR A 231 -17.32 -25.62 21.16
N PRO A 232 -16.49 -25.37 20.15
CA PRO A 232 -15.20 -24.73 20.42
C PRO A 232 -15.36 -23.32 21.04
N VAL A 233 -14.38 -22.94 21.84
CA VAL A 233 -14.39 -21.71 22.59
C VAL A 233 -13.19 -20.81 22.23
N LEU A 234 -13.48 -19.54 21.92
CA LEU A 234 -12.45 -18.52 21.73
C LEU A 234 -12.47 -17.57 22.91
N LEU A 235 -11.30 -17.28 23.44
CA LEU A 235 -11.10 -16.38 24.56
C LEU A 235 -10.46 -15.06 24.12
N GLY A 236 -11.08 -13.91 24.41
CA GLY A 236 -10.48 -12.60 24.18
C GLY A 236 -10.20 -11.80 25.45
N THR A 237 -8.96 -11.78 25.92
CA THR A 237 -8.66 -11.04 27.12
C THR A 237 -7.66 -9.94 26.94
N SER A 238 -7.01 -9.92 25.79
CA SER A 238 -5.80 -9.13 25.58
C SER A 238 -5.91 -7.64 25.91
N ARG A 239 -5.08 -7.27 26.85
CA ARG A 239 -4.89 -5.88 27.29
C ARG A 239 -6.11 -5.27 27.93
N LYS A 240 -7.06 -6.08 28.32
CA LYS A 240 -8.31 -5.56 28.87
C LYS A 240 -8.23 -4.94 30.24
N SER A 241 -9.18 -4.06 30.51
CA SER A 241 -9.18 -3.33 31.78
C SER A 241 -9.13 -4.19 33.02
N PHE A 242 -9.76 -5.37 33.05
CA PHE A 242 -9.72 -6.17 34.27
C PHE A 242 -8.29 -6.57 34.69
N ILE A 243 -7.40 -6.69 33.72
CA ILE A 243 -5.98 -6.95 33.97
C ILE A 243 -5.34 -5.71 34.60
N GLY A 244 -5.74 -4.53 34.13
CA GLY A 244 -5.31 -3.26 34.70
C GLY A 244 -5.83 -3.07 36.10
N HIS A 245 -7.05 -3.56 36.35
CA HIS A 245 -7.66 -3.51 37.68
C HIS A 245 -6.83 -4.34 38.66
N VAL A 246 -6.36 -5.51 38.23
CA VAL A 246 -5.63 -6.41 39.12
C VAL A 246 -4.20 -5.94 39.36
N LEU A 247 -3.50 -5.55 38.30
CA LEU A 247 -2.09 -5.24 38.40
C LEU A 247 -1.79 -3.74 38.63
N ASP A 248 -2.81 -2.91 38.49
CA ASP A 248 -2.65 -1.43 38.47
C ASP A 248 -1.59 -0.99 37.47
N LEU A 249 -1.78 -1.41 36.24
CA LEU A 249 -0.87 -1.13 35.17
C LEU A 249 -1.65 -0.65 33.94
N PRO A 250 -1.09 0.29 33.20
CA PRO A 250 -1.74 0.82 32.01
C PRO A 250 -1.63 -0.14 30.84
N VAL A 251 -2.36 0.15 29.77
CA VAL A 251 -2.56 -0.76 28.65
C VAL A 251 -1.28 -1.32 28.02
N GLU A 252 -0.24 -0.52 27.95
CA GLU A 252 0.99 -0.93 27.31
C GLU A 252 1.86 -1.81 28.22
N GLU A 253 1.44 -2.03 29.46
CA GLU A 253 2.18 -2.82 30.45
C GLU A 253 1.39 -4.04 30.93
N ARG A 254 0.60 -4.59 30.02
CA ARG A 254 -0.29 -5.70 30.36
C ARG A 254 0.07 -7.01 29.69
N LEU A 255 1.26 -7.11 29.10
CA LEU A 255 1.65 -8.39 28.46
C LEU A 255 1.68 -9.58 29.42
N GLU A 256 2.23 -9.39 30.60
CA GLU A 256 2.36 -10.53 31.53
C GLU A 256 0.95 -10.95 32.01
N GLY A 257 0.10 -9.94 32.29
CA GLY A 257 -1.25 -10.23 32.74
C GLY A 257 -2.09 -10.90 31.64
N THR A 258 -1.91 -10.42 30.41
CA THR A 258 -2.60 -11.05 29.27
C THR A 258 -2.16 -12.51 29.19
N GLY A 259 -0.85 -12.71 29.28
CA GLY A 259 -0.26 -14.02 29.29
C GLY A 259 -0.87 -14.99 30.26
N ALA A 260 -1.06 -14.54 31.50
CA ALA A 260 -1.70 -15.37 32.54
C ALA A 260 -3.09 -15.74 32.07
N THR A 261 -3.84 -14.81 31.51
CA THR A 261 -5.19 -15.10 31.09
C THR A 261 -5.22 -16.11 29.92
N VAL A 262 -4.26 -16.01 29.02
CA VAL A 262 -4.16 -16.93 27.90
C VAL A 262 -3.83 -18.35 28.41
N CYS A 263 -2.88 -18.46 29.34
CA CYS A 263 -2.51 -19.72 29.89
C CYS A 263 -3.68 -20.38 30.63
N LEU A 264 -4.40 -19.60 31.46
CA LEU A 264 -5.52 -20.18 32.16
C LEU A 264 -6.61 -20.62 31.21
N GLY A 265 -6.88 -19.82 30.20
CA GLY A 265 -7.87 -20.14 29.21
C GLY A 265 -7.56 -21.45 28.47
N ILE A 266 -6.28 -21.62 28.11
CA ILE A 266 -5.86 -22.86 27.45
C ILE A 266 -5.97 -24.08 28.40
N GLU A 267 -5.59 -23.91 29.64
CA GLU A 267 -5.71 -25.01 30.59
C GLU A 267 -7.21 -25.41 30.76
N LYS A 268 -8.10 -24.43 30.62
CA LYS A 268 -9.53 -24.66 30.83
C LYS A 268 -10.19 -25.10 29.56
N GLY A 269 -9.41 -25.34 28.50
CA GLY A 269 -9.86 -26.01 27.30
C GLY A 269 -10.20 -25.13 26.11
N CYS A 270 -9.79 -23.88 26.08
CA CYS A 270 -10.16 -23.08 24.92
C CYS A 270 -9.37 -23.42 23.64
N GLU A 271 -10.00 -23.33 22.47
CA GLU A 271 -9.39 -23.69 21.21
C GLU A 271 -8.73 -22.50 20.50
N PHE A 272 -9.17 -21.27 20.82
CA PHE A 272 -8.63 -20.07 20.21
C PHE A 272 -8.39 -18.99 21.26
N VAL A 273 -7.37 -18.16 21.02
CA VAL A 273 -7.20 -16.93 21.76
C VAL A 273 -7.08 -15.76 20.78
N ARG A 274 -7.73 -14.66 21.14
CA ARG A 274 -7.71 -13.43 20.35
C ARG A 274 -6.78 -12.45 21.04
N VAL A 275 -5.65 -12.10 20.39
CA VAL A 275 -4.57 -11.34 21.01
C VAL A 275 -3.95 -10.24 20.13
N HIS A 276 -3.45 -9.20 20.78
CA HIS A 276 -2.69 -8.12 20.14
C HIS A 276 -1.22 -8.50 19.93
N ASP A 277 -0.63 -9.17 20.93
CA ASP A 277 0.82 -9.46 20.97
C ASP A 277 1.11 -10.90 20.53
N VAL A 278 1.13 -11.10 19.25
CA VAL A 278 1.15 -12.44 18.66
C VAL A 278 2.46 -13.20 18.94
N LYS A 279 3.60 -12.55 18.81
CA LYS A 279 4.86 -13.23 19.11
C LYS A 279 4.83 -13.85 20.51
N GLU A 280 4.53 -13.02 21.51
CA GLU A 280 4.66 -13.45 22.89
C GLU A 280 3.59 -14.50 23.24
N MET A 281 2.37 -14.26 22.80
CA MET A 281 1.27 -15.15 23.15
C MET A 281 1.34 -16.45 22.38
N SER A 282 1.81 -16.45 21.12
CA SER A 282 2.08 -17.69 20.42
C SER A 282 3.09 -18.62 21.12
N ARG A 283 4.13 -18.02 21.64
CA ARG A 283 5.08 -18.79 22.45
C ARG A 283 4.45 -19.35 23.70
N MET A 284 3.64 -18.55 24.39
CA MET A 284 3.04 -19.00 25.65
C MET A 284 2.09 -20.14 25.35
N ALA A 285 1.32 -19.97 24.30
CA ALA A 285 0.38 -20.95 23.92
C ALA A 285 1.01 -22.27 23.49
N LYS A 286 2.16 -22.21 22.77
CA LYS A 286 2.87 -23.42 22.33
C LYS A 286 3.40 -24.19 23.53
N MET A 287 3.90 -23.46 24.52
CA MET A 287 4.40 -24.11 25.72
C MET A 287 3.25 -24.77 26.50
N MET A 288 2.15 -24.05 26.66
CA MET A 288 0.99 -24.58 27.36
C MET A 288 0.48 -25.83 26.66
N ASP A 289 0.34 -25.79 25.33
CA ASP A 289 -0.05 -26.95 24.55
C ASP A 289 0.82 -28.21 24.79
N ALA A 290 2.13 -27.99 24.85
CA ALA A 290 3.02 -29.09 25.09
C ALA A 290 2.80 -29.64 26.50
N MET A 291 2.56 -28.78 27.46
CA MET A 291 2.42 -29.28 28.81
C MET A 291 1.12 -30.04 28.98
N ILE A 292 0.02 -29.53 28.43
CA ILE A 292 -1.28 -30.15 28.67
C ILE A 292 -1.49 -31.38 27.78
N GLY A 293 -0.65 -31.55 26.80
CA GLY A 293 -0.70 -32.70 25.92
C GLY A 293 -1.59 -32.52 24.70
N LYS A 294 -1.83 -31.27 24.29
CA LYS A 294 -2.59 -30.92 23.11
C LYS A 294 -1.70 -31.17 21.90
N LYS B 22 35.19 15.03 -17.31
CA LYS B 22 34.71 15.92 -18.43
C LYS B 22 33.37 16.73 -18.18
N TRP B 23 32.48 16.32 -17.25
CA TRP B 23 31.66 17.30 -16.50
C TRP B 23 32.40 17.64 -15.21
N ASP B 24 32.55 18.91 -14.87
CA ASP B 24 33.27 19.26 -13.64
C ASP B 24 32.37 19.47 -12.42
N TYR B 25 31.12 19.01 -12.50
CA TYR B 25 30.27 18.97 -11.34
C TYR B 25 29.37 17.74 -11.44
N ASP B 26 28.82 17.35 -10.31
CA ASP B 26 27.79 16.31 -10.24
C ASP B 26 26.47 16.97 -10.01
N LEU B 27 25.41 16.23 -10.25
CA LEU B 27 24.04 16.72 -10.12
C LEU B 27 23.64 16.44 -8.70
N ARG B 28 23.39 17.51 -7.99
CA ARG B 28 23.11 17.42 -6.58
C ARG B 28 21.59 17.35 -6.46
N CYS B 29 21.11 16.24 -5.88
CA CYS B 29 19.68 15.97 -5.71
C CYS B 29 19.34 15.68 -4.24
N GLY B 30 19.66 16.61 -3.35
CA GLY B 30 19.33 16.50 -1.92
C GLY B 30 20.20 15.41 -1.34
N GLU B 31 19.58 14.37 -0.77
CA GLU B 31 20.32 13.21 -0.25
C GLU B 31 21.03 12.36 -1.33
N TYR B 32 20.66 12.54 -2.59
CA TYR B 32 21.27 11.77 -3.68
C TYR B 32 22.20 12.66 -4.52
N THR B 33 23.16 12.04 -5.16
CA THR B 33 24.07 12.74 -6.06
C THR B 33 24.21 11.87 -7.29
N LEU B 34 24.01 12.47 -8.48
CA LEU B 34 24.19 11.77 -9.73
C LEU B 34 25.46 12.26 -10.44
N ASN B 35 26.37 11.34 -10.65
CA ASN B 35 27.63 11.62 -11.33
C ASN B 35 27.37 11.53 -12.83
N LEU B 36 27.78 12.56 -13.56
CA LEU B 36 27.43 12.66 -14.98
C LEU B 36 28.50 12.03 -15.86
N ASN B 37 29.62 11.65 -15.28
CA ASN B 37 30.75 11.09 -16.06
C ASN B 37 30.84 9.53 -16.05
N GLU B 38 30.30 8.86 -15.07
CA GLU B 38 30.59 7.42 -14.90
C GLU B 38 29.80 6.55 -15.88
N LYS B 39 28.59 6.97 -16.16
CA LYS B 39 27.63 6.16 -16.89
C LYS B 39 26.48 7.00 -17.37
N THR B 40 25.85 6.52 -18.44
CA THR B 40 24.59 7.06 -18.86
C THR B 40 23.55 6.79 -17.81
N LEU B 41 22.83 7.84 -17.42
CA LEU B 41 21.84 7.74 -16.35
C LEU B 41 20.44 7.38 -16.88
N ILE B 42 19.82 6.38 -16.25
CA ILE B 42 18.58 5.78 -16.73
C ILE B 42 17.45 6.34 -15.89
N MET B 43 16.53 7.06 -16.53
CA MET B 43 15.32 7.50 -15.89
C MET B 43 14.17 6.60 -16.29
N GLY B 44 13.61 5.88 -15.30
CA GLY B 44 12.51 4.97 -15.52
C GLY B 44 11.19 5.68 -15.45
N ILE B 45 10.30 5.37 -16.38
CA ILE B 45 8.99 5.97 -16.43
C ILE B 45 7.98 5.18 -15.61
N LEU B 46 7.54 5.80 -14.52
CA LEU B 46 6.55 5.11 -13.62
C LEU B 46 5.18 4.93 -14.28
N ASN B 47 4.62 3.71 -14.22
CA ASN B 47 3.22 3.43 -14.61
C ASN B 47 2.34 4.14 -13.60
N VAL B 48 1.50 5.04 -14.06
CA VAL B 48 0.77 5.93 -13.16
C VAL B 48 -0.77 5.56 -13.06
N THR B 49 -1.26 4.79 -14.04
CA THR B 49 -2.65 4.27 -14.19
C THR B 49 -3.63 4.45 -13.01
N PRO B 50 -4.64 5.31 -13.16
CA PRO B 50 -5.69 5.47 -12.12
C PRO B 50 -6.24 4.15 -11.53
N SER B 54 -11.31 6.59 -8.44
CA SER B 54 -11.11 7.49 -7.29
C SER B 54 -10.37 8.80 -7.62
N ASP B 55 -10.44 9.75 -6.68
CA ASP B 55 -9.83 11.08 -6.85
C ASP B 55 -8.28 11.01 -6.75
N GLY B 56 -7.75 9.97 -6.09
CA GLY B 56 -6.31 9.76 -5.98
C GLY B 56 -5.89 9.18 -4.63
N GLY B 57 -4.69 8.60 -4.59
CA GLY B 57 -4.12 8.11 -3.35
C GLY B 57 -4.73 6.83 -2.76
N SER B 58 -5.45 6.04 -3.57
CA SER B 58 -6.00 4.77 -3.13
C SER B 58 -4.92 3.71 -3.06
N TYR B 59 -5.12 2.71 -2.23
CA TYR B 59 -4.11 1.67 -2.11
C TYR B 59 -3.72 1.02 -3.41
N ASN B 60 -4.67 0.61 -4.22
CA ASN B 60 -4.35 -0.26 -5.37
C ASN B 60 -3.47 0.51 -6.32
N GLU B 61 -3.74 1.78 -6.47
CA GLU B 61 -3.01 2.50 -7.50
C GLU B 61 -1.65 2.90 -6.94
N VAL B 62 -1.56 3.25 -5.66
CA VAL B 62 -0.29 3.65 -5.11
C VAL B 62 0.60 2.44 -4.87
N ASP B 63 0.02 1.35 -4.40
CA ASP B 63 0.80 0.13 -4.20
C ASP B 63 1.40 -0.33 -5.52
N ALA B 64 0.63 -0.25 -6.59
CA ALA B 64 1.10 -0.67 -7.92
C ALA B 64 2.26 0.22 -8.41
N ALA B 65 2.17 1.51 -8.15
CA ALA B 65 3.24 2.47 -8.40
C ALA B 65 4.52 2.16 -7.59
N VAL B 66 4.39 1.87 -6.30
CA VAL B 66 5.56 1.49 -5.51
C VAL B 66 6.19 0.24 -6.06
N ARG B 67 5.37 -0.76 -6.41
CA ARG B 67 5.91 -2.02 -6.89
C ARG B 67 6.68 -1.80 -8.19
N HIS B 68 6.16 -0.93 -9.03
CA HIS B 68 6.79 -0.69 -10.32
C HIS B 68 8.12 0.05 -10.11
N ALA B 69 8.13 1.01 -9.21
CA ALA B 69 9.35 1.73 -8.90
C ALA B 69 10.40 0.82 -8.37
N LYS B 70 10.00 -0.14 -7.54
CA LYS B 70 10.94 -1.09 -6.99
C LYS B 70 11.51 -1.98 -8.10
N GLU B 71 10.67 -2.40 -9.03
CA GLU B 71 11.11 -3.25 -10.13
C GLU B 71 12.12 -2.44 -11.00
N MET B 72 11.81 -1.21 -11.31
CA MET B 72 12.73 -0.39 -12.11
C MET B 72 14.07 -0.14 -11.38
N ARG B 73 13.99 0.08 -10.07
CA ARG B 73 15.20 0.21 -9.28
C ARG B 73 16.05 -1.06 -9.42
N ASP B 74 15.39 -2.21 -9.29
CA ASP B 74 16.09 -3.51 -9.29
C ASP B 74 16.72 -3.82 -10.65
N GLU B 75 16.15 -3.23 -11.71
CA GLU B 75 16.64 -3.46 -13.07
C GLU B 75 17.60 -2.38 -13.61
N GLY B 76 17.92 -1.38 -12.79
CA GLY B 76 18.95 -0.43 -13.13
C GLY B 76 18.60 1.05 -13.25
N ALA B 77 17.42 1.44 -12.87
CA ALA B 77 17.04 2.83 -12.96
C ALA B 77 17.83 3.66 -11.94
N HIS B 78 18.24 4.85 -12.35
CA HIS B 78 18.84 5.84 -11.47
C HIS B 78 17.94 6.98 -11.00
N ILE B 79 16.84 7.18 -11.71
CA ILE B 79 15.83 8.19 -11.41
C ILE B 79 14.46 7.59 -11.73
N ILE B 80 13.44 8.00 -11.02
CA ILE B 80 12.06 7.56 -11.26
C ILE B 80 11.22 8.76 -11.63
N ASP B 81 10.65 8.77 -12.82
CA ASP B 81 9.88 9.91 -13.30
C ASP B 81 8.42 9.66 -13.04
N ILE B 82 7.77 10.59 -12.34
CA ILE B 82 6.38 10.43 -11.91
C ILE B 82 5.50 11.56 -12.45
N GLY B 83 4.41 11.22 -13.14
CA GLY B 83 3.51 12.26 -13.64
C GLY B 83 2.01 12.15 -13.34
N GLY B 84 1.27 13.25 -13.62
CA GLY B 84 -0.18 13.34 -13.46
C GLY B 84 -0.93 13.60 -14.78
N VAL B 94 -8.08 18.23 -16.86
CA VAL B 94 -8.17 17.96 -15.41
C VAL B 94 -7.30 18.98 -14.63
N SER B 95 -7.82 19.44 -13.49
CA SER B 95 -7.31 20.63 -12.80
C SER B 95 -6.00 20.44 -12.02
N VAL B 96 -5.42 21.56 -11.59
CA VAL B 96 -4.23 21.56 -10.74
C VAL B 96 -4.47 20.79 -9.43
N GLU B 97 -5.67 20.93 -8.86
CA GLU B 97 -6.00 20.25 -7.61
C GLU B 97 -6.10 18.74 -7.81
N GLU B 98 -6.77 18.30 -8.88
CA GLU B 98 -6.90 16.87 -9.19
C GLU B 98 -5.52 16.24 -9.51
N GLU B 99 -4.66 17.00 -10.17
CA GLU B 99 -3.34 16.50 -10.54
C GLU B 99 -2.50 16.34 -9.28
N ILE B 100 -2.62 17.28 -8.35
CA ILE B 100 -1.81 17.26 -7.15
C ILE B 100 -2.27 16.08 -6.30
N LYS B 101 -3.59 15.90 -6.19
CA LYS B 101 -4.13 14.87 -5.32
C LYS B 101 -3.74 13.50 -5.81
N ARG B 102 -3.52 13.37 -7.11
CA ARG B 102 -3.14 12.09 -7.70
C ARG B 102 -1.65 11.84 -7.56
N VAL B 103 -0.82 12.84 -7.83
CA VAL B 103 0.61 12.61 -7.88
C VAL B 103 1.30 12.67 -6.51
N VAL B 104 0.83 13.50 -5.59
CA VAL B 104 1.49 13.64 -4.30
C VAL B 104 1.58 12.30 -3.49
N PRO B 105 0.50 11.55 -3.33
CA PRO B 105 0.57 10.27 -2.62
C PRO B 105 1.59 9.33 -3.24
N MET B 106 1.72 9.41 -4.54
CA MET B 106 2.69 8.57 -5.22
C MET B 106 4.11 8.94 -4.94
N ILE B 107 4.40 10.22 -4.94
CA ILE B 107 5.72 10.73 -4.61
C ILE B 107 6.03 10.43 -3.15
N GLN B 108 5.06 10.61 -2.28
CA GLN B 108 5.27 10.30 -0.86
C GLN B 108 5.64 8.83 -0.64
N ALA B 109 4.86 7.93 -1.23
CA ALA B 109 5.09 6.50 -1.07
C ALA B 109 6.40 6.03 -1.72
N VAL B 110 6.66 6.47 -2.94
CA VAL B 110 7.87 6.03 -3.64
C VAL B 110 9.11 6.60 -2.94
N SER B 111 9.09 7.86 -2.54
CA SER B 111 10.26 8.46 -1.84
C SER B 111 10.59 7.77 -0.52
N LYS B 112 9.56 7.32 0.21
CA LYS B 112 9.78 6.53 1.40
C LYS B 112 10.34 5.13 1.09
N GLU B 113 9.84 4.47 0.06
CA GLU B 113 10.10 3.05 -0.12
C GLU B 113 11.20 2.72 -1.10
N VAL B 114 11.56 3.66 -1.98
CA VAL B 114 12.56 3.43 -3.02
C VAL B 114 13.62 4.51 -2.98
N LYS B 115 14.86 4.11 -2.75
CA LYS B 115 15.92 5.07 -2.53
C LYS B 115 16.57 5.48 -3.84
N LEU B 116 15.85 6.29 -4.58
CA LEU B 116 16.32 6.91 -5.82
C LEU B 116 15.74 8.29 -5.90
N PRO B 117 16.43 9.20 -6.60
CA PRO B 117 15.80 10.48 -6.89
C PRO B 117 14.56 10.33 -7.75
N ILE B 118 13.60 11.21 -7.50
CA ILE B 118 12.34 11.28 -8.18
C ILE B 118 12.22 12.56 -8.98
N SER B 119 11.77 12.44 -10.21
CA SER B 119 11.44 13.60 -10.98
C SER B 119 9.94 13.69 -11.06
N ILE B 120 9.44 14.90 -10.90
CA ILE B 120 8.06 15.25 -11.14
C ILE B 120 7.86 15.77 -12.54
N ASP B 121 7.03 15.03 -13.26
CA ASP B 121 6.67 15.36 -14.63
C ASP B 121 5.53 16.34 -14.54
N THR B 122 5.85 17.62 -14.64
CA THR B 122 4.80 18.64 -14.66
C THR B 122 5.34 19.89 -15.33
N TYR B 123 4.44 20.61 -15.97
CA TYR B 123 4.72 21.96 -16.43
C TYR B 123 4.06 23.04 -15.59
N LYS B 124 3.44 22.66 -14.47
CA LYS B 124 2.73 23.63 -13.64
C LYS B 124 3.52 23.92 -12.39
N ALA B 125 3.63 25.21 -12.05
CA ALA B 125 4.42 25.64 -10.89
C ALA B 125 3.90 25.10 -9.54
N GLU B 126 2.59 25.15 -9.32
CA GLU B 126 2.02 24.73 -8.04
C GLU B 126 2.21 23.22 -7.85
N VAL B 127 2.09 22.47 -8.94
CA VAL B 127 2.31 21.03 -8.90
C VAL B 127 3.77 20.75 -8.56
N ALA B 128 4.68 21.53 -9.14
CA ALA B 128 6.11 21.29 -8.89
C ALA B 128 6.40 21.56 -7.43
N LYS B 129 5.85 22.64 -6.91
CA LYS B 129 6.10 22.99 -5.53
C LYS B 129 5.63 21.87 -4.58
N GLN B 130 4.39 21.43 -4.74
CA GLN B 130 3.82 20.43 -3.84
C GLN B 130 4.49 19.07 -3.99
N ALA B 131 4.89 18.76 -5.23
CA ALA B 131 5.61 17.54 -5.51
C ALA B 131 6.96 17.55 -4.79
N ILE B 132 7.62 18.71 -4.79
CA ILE B 132 8.92 18.84 -4.14
C ILE B 132 8.76 18.74 -2.64
N GLU B 133 7.73 19.36 -2.12
CA GLU B 133 7.43 19.29 -0.69
C GLU B 133 7.10 17.85 -0.27
N ALA B 134 6.52 17.10 -1.21
CA ALA B 134 6.15 15.71 -0.95
C ALA B 134 7.34 14.74 -1.10
N GLY B 135 8.49 15.24 -1.59
CA GLY B 135 9.73 14.48 -1.68
C GLY B 135 10.41 14.38 -3.06
N ALA B 136 9.89 15.05 -4.09
CA ALA B 136 10.51 14.99 -5.42
C ALA B 136 11.81 15.80 -5.42
N HIS B 137 12.73 15.38 -6.27
CA HIS B 137 14.07 15.94 -6.30
C HIS B 137 14.43 16.77 -7.57
N ILE B 138 13.69 16.55 -8.65
CA ILE B 138 14.02 17.09 -10.00
C ILE B 138 12.73 17.49 -10.65
N ILE B 139 12.68 18.61 -11.31
CA ILE B 139 11.51 18.96 -12.09
C ILE B 139 11.72 18.63 -13.57
N ASN B 140 10.74 17.94 -14.16
CA ASN B 140 10.79 17.54 -15.54
C ASN B 140 9.64 18.25 -16.26
N ASP B 141 9.98 19.31 -17.01
CA ASP B 141 9.02 20.22 -17.59
C ASP B 141 8.95 20.11 -19.12
N ILE B 142 7.90 19.47 -19.60
CA ILE B 142 7.72 19.29 -21.03
C ILE B 142 7.50 20.62 -21.77
N TRP B 143 7.35 21.72 -21.06
CA TRP B 143 7.23 23.04 -21.73
C TRP B 143 8.41 23.92 -21.52
N GLY B 144 9.42 23.41 -20.80
CA GLY B 144 10.65 24.15 -20.59
C GLY B 144 10.50 25.54 -20.02
N ALA B 145 9.71 25.63 -18.97
CA ALA B 145 9.38 26.84 -18.25
C ALA B 145 8.59 27.87 -19.07
N LYS B 146 8.06 27.47 -20.21
CA LYS B 146 7.31 28.41 -21.04
C LYS B 146 5.82 28.44 -20.77
N ALA B 147 5.24 27.34 -20.29
CA ALA B 147 3.81 27.32 -20.00
C ALA B 147 3.54 28.12 -18.72
N GLU B 148 4.36 27.89 -17.70
CA GLU B 148 4.25 28.58 -16.45
C GLU B 148 5.65 28.96 -15.99
N PRO B 149 6.15 30.10 -16.45
CA PRO B 149 7.48 30.60 -16.01
C PRO B 149 7.76 30.58 -14.53
N LYS B 150 6.73 30.69 -13.69
CA LYS B 150 6.95 30.60 -12.24
C LYS B 150 7.54 29.25 -11.82
N ILE B 151 7.46 28.25 -12.68
CA ILE B 151 8.05 26.96 -12.34
C ILE B 151 9.52 27.11 -12.16
N ALA B 152 10.13 28.05 -12.89
CA ALA B 152 11.55 28.33 -12.70
C ALA B 152 11.87 28.99 -11.39
N GLU B 153 10.96 29.82 -10.84
CA GLU B 153 11.11 30.36 -9.49
C GLU B 153 11.06 29.26 -8.43
N VAL B 154 10.18 28.29 -8.64
CA VAL B 154 10.10 27.12 -7.77
C VAL B 154 11.39 26.38 -7.79
N ALA B 155 11.88 26.10 -9.00
CA ALA B 155 13.15 25.39 -9.12
C ALA B 155 14.27 26.12 -8.36
N ALA B 156 14.36 27.43 -8.56
CA ALA B 156 15.40 28.24 -7.92
C ALA B 156 15.25 28.21 -6.41
N HIS B 157 14.03 28.35 -5.94
CA HIS B 157 13.81 28.37 -4.47
C HIS B 157 14.25 27.08 -3.76
N TYR B 158 13.88 25.94 -4.36
CA TYR B 158 14.17 24.64 -3.77
C TYR B 158 15.57 24.16 -4.17
N ASP B 159 16.19 24.89 -5.09
CA ASP B 159 17.52 24.59 -5.59
C ASP B 159 17.60 23.18 -6.21
N VAL B 160 16.59 22.81 -6.99
CA VAL B 160 16.57 21.48 -7.61
C VAL B 160 16.92 21.56 -9.11
N PRO B 161 17.44 20.48 -9.69
CA PRO B 161 17.58 20.41 -11.14
C PRO B 161 16.27 20.51 -11.86
N ILE B 162 16.26 21.18 -12.99
CA ILE B 162 15.09 21.25 -13.83
C ILE B 162 15.47 20.85 -15.27
N ILE B 163 14.66 19.98 -15.84
CA ILE B 163 14.80 19.53 -17.22
C ILE B 163 13.89 20.43 -18.07
N LEU B 164 14.51 21.14 -18.99
CA LEU B 164 13.82 22.05 -19.87
C LEU B 164 13.73 21.40 -21.22
N MET B 165 12.54 20.92 -21.56
CA MET B 165 12.37 20.19 -22.80
C MET B 165 11.94 21.12 -23.95
N HIS B 166 12.46 20.84 -25.13
CA HIS B 166 12.05 21.53 -26.32
C HIS B 166 10.60 21.18 -26.69
N ASN B 167 9.82 22.21 -26.97
CA ASN B 167 8.41 22.05 -27.31
C ASN B 167 7.97 23.39 -27.94
N ARG B 168 6.95 23.32 -28.77
CA ARG B 168 6.33 24.52 -29.30
C ARG B 168 4.93 24.19 -29.81
N ASP B 169 4.17 25.19 -30.26
CA ASP B 169 2.78 24.96 -30.69
C ASP B 169 2.59 24.78 -32.19
N ASN B 170 3.67 24.58 -32.90
CA ASN B 170 3.63 24.36 -34.36
C ASN B 170 4.81 23.53 -34.76
N MET B 171 4.79 23.06 -36.00
CA MET B 171 5.83 22.23 -36.60
C MET B 171 6.47 22.88 -37.78
N ASN B 172 6.45 24.19 -37.78
CA ASN B 172 7.06 24.97 -38.85
C ASN B 172 8.44 25.50 -38.50
N TYR B 173 9.46 24.82 -38.99
CA TYR B 173 10.83 25.17 -38.74
C TYR B 173 11.52 25.64 -40.02
N ARG B 174 12.36 26.67 -39.91
CA ARG B 174 13.23 27.04 -41.02
C ARG B 174 14.45 26.11 -41.10
N ASN B 175 15.05 25.80 -39.95
CA ASN B 175 16.26 24.95 -39.78
C ASN B 175 15.96 24.32 -38.42
N LEU B 176 15.63 23.03 -38.43
CA LEU B 176 15.06 22.37 -37.25
C LEU B 176 16.02 22.50 -36.08
N MET B 177 17.26 22.12 -36.30
CA MET B 177 18.17 22.09 -35.17
C MET B 177 18.47 23.50 -34.67
N ALA B 178 18.72 24.43 -35.58
CA ALA B 178 19.05 25.80 -35.21
C ALA B 178 17.86 26.42 -34.45
N ASP B 179 16.66 26.13 -34.90
CA ASP B 179 15.43 26.62 -34.25
C ASP B 179 15.21 25.95 -32.89
N MET B 180 15.52 24.65 -32.79
CA MET B 180 15.45 23.95 -31.49
C MET B 180 16.38 24.58 -30.49
N ILE B 181 17.60 24.89 -30.92
CA ILE B 181 18.59 25.47 -30.01
C ILE B 181 18.16 26.85 -29.57
N ALA B 182 17.62 27.63 -30.50
CA ALA B 182 17.12 28.96 -30.16
C ALA B 182 15.94 28.89 -29.11
N ASP B 183 14.97 27.99 -29.35
CA ASP B 183 13.87 27.75 -28.42
C ASP B 183 14.40 27.32 -27.05
N LEU B 184 15.39 26.43 -27.06
CA LEU B 184 16.00 25.96 -25.81
C LEU B 184 16.71 27.10 -25.11
N TYR B 185 17.40 27.99 -25.85
CA TYR B 185 17.97 29.16 -25.17
C TYR B 185 16.93 30.01 -24.54
N ASP B 186 15.81 30.19 -25.20
CA ASP B 186 14.73 30.97 -24.60
C ASP B 186 14.28 30.37 -23.25
N SER B 187 14.27 29.04 -23.18
CA SER B 187 14.00 28.37 -21.90
C SER B 187 15.09 28.59 -20.84
N ILE B 188 16.35 28.44 -21.23
CA ILE B 188 17.48 28.65 -20.34
C ILE B 188 17.42 30.07 -19.78
N LYS B 189 17.10 31.05 -20.65
CA LYS B 189 17.02 32.44 -20.18
C LYS B 189 15.92 32.66 -19.16
N ILE B 190 14.75 32.08 -19.36
CA ILE B 190 13.70 32.11 -18.32
C ILE B 190 14.20 31.52 -16.99
N ALA B 191 14.86 30.37 -17.04
CA ALA B 191 15.34 29.72 -15.81
C ALA B 191 16.41 30.58 -15.11
N LYS B 192 17.35 31.07 -15.88
CA LYS B 192 18.44 31.89 -15.33
C LYS B 192 17.92 33.22 -14.81
N ASP B 193 16.96 33.82 -15.51
CA ASP B 193 16.37 35.06 -15.01
C ASP B 193 15.66 34.82 -13.69
N ALA B 194 15.20 33.59 -13.41
CA ALA B 194 14.55 33.26 -12.13
C ALA B 194 15.49 32.89 -10.99
N GLY B 195 16.76 32.71 -11.30
CA GLY B 195 17.80 32.38 -10.33
C GLY B 195 18.25 30.94 -10.41
N VAL B 196 17.77 30.20 -11.41
CA VAL B 196 18.25 28.81 -11.60
C VAL B 196 19.73 28.79 -11.95
N ARG B 197 20.52 28.09 -11.16
CA ARG B 197 21.95 27.97 -11.43
C ARG B 197 22.23 27.03 -12.64
N ASP B 198 23.33 27.26 -13.34
CA ASP B 198 23.66 26.47 -14.53
C ASP B 198 23.76 25.00 -14.19
N GLU B 199 24.29 24.65 -13.02
CA GLU B 199 24.42 23.25 -12.67
C GLU B 199 23.07 22.55 -12.42
N ASN B 200 22.01 23.32 -12.27
CA ASN B 200 20.67 22.77 -12.11
C ASN B 200 19.89 22.74 -13.41
N ILE B 201 20.54 22.98 -14.52
CA ILE B 201 19.85 22.96 -15.82
C ILE B 201 20.21 21.69 -16.67
N ILE B 202 19.19 21.01 -17.17
CA ILE B 202 19.30 19.87 -18.05
C ILE B 202 18.41 20.19 -19.27
N LEU B 203 18.87 19.90 -20.46
CA LEU B 203 18.10 20.14 -21.66
C LEU B 203 17.64 18.84 -22.27
N ASP B 204 16.60 18.90 -23.11
CA ASP B 204 16.02 17.74 -23.74
C ASP B 204 15.47 18.18 -25.10
N PRO B 205 15.81 17.47 -26.19
CA PRO B 205 15.33 17.80 -27.55
C PRO B 205 13.85 17.59 -27.81
N GLY B 206 13.12 17.00 -26.90
CA GLY B 206 11.66 16.87 -27.06
C GLY B 206 11.30 16.07 -28.30
N ILE B 207 11.93 14.92 -28.42
CA ILE B 207 11.62 14.02 -29.52
C ILE B 207 10.19 13.57 -29.31
N GLY B 208 9.42 13.63 -30.39
CA GLY B 208 8.01 13.32 -30.34
C GLY B 208 7.10 14.48 -29.98
N PHE B 209 7.64 15.69 -29.85
CA PHE B 209 6.83 16.87 -29.54
C PHE B 209 7.08 17.91 -30.60
N ALA B 210 5.98 18.34 -31.21
CA ALA B 210 5.97 19.44 -32.18
C ALA B 210 6.93 19.18 -33.34
N LYS B 211 6.95 17.92 -33.76
CA LYS B 211 7.82 17.44 -34.80
C LYS B 211 7.10 16.36 -35.61
N THR B 212 7.25 16.42 -36.92
CA THR B 212 6.83 15.34 -37.81
C THR B 212 7.74 14.13 -37.61
N PRO B 213 7.30 12.96 -38.07
CA PRO B 213 8.16 11.75 -38.04
C PRO B 213 9.53 12.02 -38.66
N GLU B 214 9.55 12.71 -39.78
CA GLU B 214 10.80 13.03 -40.47
C GLU B 214 11.66 14.02 -39.70
N GLN B 215 11.03 14.99 -39.06
CA GLN B 215 11.74 15.92 -38.16
C GLN B 215 12.31 15.23 -36.92
N ASN B 216 11.57 14.26 -36.37
CA ASN B 216 12.08 13.44 -35.29
C ASN B 216 13.38 12.70 -35.67
N LEU B 217 13.41 12.15 -36.86
CA LEU B 217 14.57 11.46 -37.37
C LEU B 217 15.73 12.46 -37.59
N GLU B 218 15.45 13.62 -38.18
CA GLU B 218 16.44 14.68 -38.35
C GLU B 218 17.03 15.15 -37.02
N ALA B 219 16.21 15.27 -36.00
CA ALA B 219 16.68 15.67 -34.67
C ALA B 219 17.62 14.60 -34.12
N MET B 220 17.24 13.33 -34.25
CA MET B 220 18.08 12.20 -33.76
C MET B 220 19.42 12.24 -34.49
N ARG B 221 19.37 12.40 -35.82
CA ARG B 221 20.58 12.44 -36.65
C ARG B 221 21.56 13.57 -36.27
N ASN B 222 21.04 14.66 -35.71
CA ASN B 222 21.84 15.83 -35.41
C ASN B 222 21.93 16.23 -33.91
N LEU B 223 21.63 15.28 -33.02
CA LEU B 223 21.52 15.53 -31.58
C LEU B 223 22.78 16.08 -30.98
N GLU B 224 23.93 15.73 -31.57
CA GLU B 224 25.20 16.20 -31.04
C GLU B 224 25.30 17.72 -31.06
N GLN B 225 24.54 18.38 -31.93
CA GLN B 225 24.58 19.84 -31.93
C GLN B 225 24.15 20.47 -30.59
N LEU B 226 23.33 19.78 -29.81
CA LEU B 226 22.87 20.34 -28.54
C LEU B 226 23.97 20.47 -27.52
N ASN B 227 25.05 19.71 -27.67
CA ASN B 227 26.12 19.74 -26.73
C ASN B 227 26.79 21.10 -26.67
N VAL B 228 26.71 21.89 -27.76
CA VAL B 228 27.37 23.20 -27.78
C VAL B 228 26.81 24.13 -26.72
N LEU B 229 25.55 23.97 -26.32
CA LEU B 229 24.98 24.84 -25.30
C LEU B 229 25.67 24.68 -23.94
N GLY B 230 26.32 23.52 -23.72
CA GLY B 230 27.13 23.30 -22.54
C GLY B 230 26.37 22.74 -21.34
N TYR B 231 25.16 22.22 -21.55
CA TYR B 231 24.39 21.58 -20.46
C TYR B 231 24.22 20.09 -20.74
N PRO B 232 24.01 19.32 -19.69
CA PRO B 232 23.68 17.90 -19.86
C PRO B 232 22.36 17.76 -20.58
N VAL B 233 22.25 16.71 -21.39
CA VAL B 233 21.11 16.43 -22.21
C VAL B 233 20.47 15.10 -21.86
N LEU B 234 19.15 15.15 -21.71
CA LEU B 234 18.33 13.99 -21.50
C LEU B 234 17.52 13.72 -22.75
N LEU B 235 17.49 12.46 -23.12
CA LEU B 235 16.77 12.02 -24.31
C LEU B 235 15.56 11.09 -23.98
N GLY B 236 14.39 11.43 -24.50
CA GLY B 236 13.15 10.65 -24.29
C GLY B 236 12.54 10.18 -25.59
N THR B 237 12.77 8.92 -25.97
CA THR B 237 12.27 8.40 -27.25
C THR B 237 11.42 7.18 -27.11
N SER B 238 11.32 6.67 -25.88
CA SER B 238 10.81 5.33 -25.64
C SER B 238 9.39 5.12 -26.13
N ARG B 239 9.25 4.13 -27.01
CA ARG B 239 7.95 3.68 -27.57
C ARG B 239 7.23 4.70 -28.40
N LYS B 240 7.90 5.76 -28.81
CA LYS B 240 7.19 6.86 -29.43
C LYS B 240 6.76 6.55 -30.84
N SER B 241 5.77 7.33 -31.27
CA SER B 241 5.12 7.13 -32.53
C SER B 241 6.07 7.18 -33.74
N PHE B 242 7.14 7.97 -33.73
CA PHE B 242 8.06 7.96 -34.87
C PHE B 242 8.74 6.61 -35.10
N ILE B 243 8.95 5.86 -34.02
CA ILE B 243 9.50 4.51 -34.11
C ILE B 243 8.46 3.58 -34.81
N GLY B 244 7.20 3.73 -34.41
CA GLY B 244 6.10 3.04 -35.06
C GLY B 244 6.01 3.36 -36.54
N HIS B 245 6.22 4.64 -36.91
CA HIS B 245 6.16 5.06 -38.29
C HIS B 245 7.27 4.37 -39.10
N VAL B 246 8.49 4.31 -38.55
CA VAL B 246 9.58 3.67 -39.29
C VAL B 246 9.41 2.17 -39.43
N LEU B 247 9.05 1.49 -38.34
CA LEU B 247 9.00 0.03 -38.34
C LEU B 247 7.62 -0.56 -38.69
N ASP B 248 6.60 0.28 -38.72
CA ASP B 248 5.17 -0.16 -38.90
C ASP B 248 4.79 -1.19 -37.83
N LEU B 249 5.01 -0.79 -36.58
CA LEU B 249 4.74 -1.65 -35.43
C LEU B 249 4.02 -0.84 -34.34
N PRO B 250 3.14 -1.51 -33.60
CA PRO B 250 2.39 -0.88 -32.50
C PRO B 250 3.21 -0.71 -31.27
N VAL B 251 2.63 0.01 -30.32
CA VAL B 251 3.34 0.48 -29.16
C VAL B 251 4.04 -0.61 -28.33
N GLU B 252 3.45 -1.80 -28.24
CA GLU B 252 4.05 -2.85 -27.44
C GLU B 252 5.18 -3.59 -28.20
N GLU B 253 5.43 -3.24 -29.46
CA GLU B 253 6.46 -3.89 -30.28
C GLU B 253 7.57 -2.89 -30.72
N ARG B 254 7.87 -1.95 -29.84
CA ARG B 254 8.87 -0.91 -30.12
C ARG B 254 10.14 -0.98 -29.25
N LEU B 255 10.37 -2.07 -28.54
CA LEU B 255 11.51 -2.12 -27.67
C LEU B 255 12.79 -2.01 -28.51
N GLU B 256 12.88 -2.78 -29.59
CA GLU B 256 14.08 -2.77 -30.43
C GLU B 256 14.33 -1.40 -31.08
N GLY B 257 13.27 -0.78 -31.61
CA GLY B 257 13.37 0.55 -32.14
C GLY B 257 13.85 1.55 -31.10
N THR B 258 13.33 1.39 -29.88
CA THR B 258 13.66 2.29 -28.78
C THR B 258 15.14 2.15 -28.49
N GLY B 259 15.57 0.89 -28.49
CA GLY B 259 16.96 0.54 -28.28
C GLY B 259 17.86 1.28 -29.26
N ALA B 260 17.50 1.25 -30.53
CA ALA B 260 18.35 1.97 -31.50
C ALA B 260 18.47 3.45 -31.20
N THR B 261 17.35 4.07 -30.79
CA THR B 261 17.33 5.51 -30.48
C THR B 261 18.17 5.80 -29.22
N VAL B 262 18.08 4.93 -28.24
CA VAL B 262 18.94 5.04 -27.05
C VAL B 262 20.41 4.96 -27.38
N CYS B 263 20.80 3.96 -28.16
CA CYS B 263 22.16 3.81 -28.61
C CYS B 263 22.74 5.01 -29.38
N LEU B 264 21.96 5.56 -30.30
CA LEU B 264 22.39 6.70 -31.06
C LEU B 264 22.49 7.92 -30.21
N GLY B 265 21.54 8.08 -29.30
CA GLY B 265 21.54 9.17 -28.35
C GLY B 265 22.78 9.18 -27.48
N ILE B 266 23.16 8.02 -26.99
CA ILE B 266 24.39 7.90 -26.23
C ILE B 266 25.64 8.19 -27.03
N GLU B 267 25.71 7.66 -28.24
CA GLU B 267 26.84 7.92 -29.11
C GLU B 267 26.99 9.42 -29.41
N LYS B 268 25.87 10.13 -29.44
CA LYS B 268 25.83 11.57 -29.67
C LYS B 268 25.94 12.43 -28.41
N GLY B 269 26.18 11.81 -27.25
CA GLY B 269 26.65 12.51 -26.07
C GLY B 269 25.61 12.75 -25.01
N CYS B 270 24.42 12.11 -25.06
CA CYS B 270 23.42 12.41 -24.05
C CYS B 270 23.83 11.81 -22.71
N GLU B 271 23.44 12.46 -21.62
CA GLU B 271 23.80 12.03 -20.26
C GLU B 271 22.76 11.15 -19.57
N PHE B 272 21.51 11.27 -20.01
CA PHE B 272 20.35 10.57 -19.46
C PHE B 272 19.47 10.06 -20.59
N VAL B 273 18.79 8.93 -20.37
CA VAL B 273 17.69 8.45 -21.24
C VAL B 273 16.46 8.11 -20.36
N ARG B 274 15.29 8.48 -20.84
CA ARG B 274 14.02 8.31 -20.16
C ARG B 274 13.30 7.17 -20.88
N VAL B 275 13.12 6.07 -20.20
CA VAL B 275 12.68 4.82 -20.81
C VAL B 275 11.63 4.08 -20.01
N HIS B 276 10.85 3.24 -20.71
CA HIS B 276 9.86 2.34 -20.08
C HIS B 276 10.50 1.01 -19.70
N ASP B 277 11.40 0.52 -20.55
CA ASP B 277 11.94 -0.83 -20.44
C ASP B 277 13.34 -0.76 -19.86
N VAL B 278 13.39 -0.64 -18.52
CA VAL B 278 14.61 -0.32 -17.82
C VAL B 278 15.65 -1.44 -17.93
N LYS B 279 15.20 -2.68 -17.79
CA LYS B 279 16.13 -3.80 -17.83
C LYS B 279 16.88 -3.80 -19.16
N GLU B 280 16.13 -3.75 -20.25
CA GLU B 280 16.70 -3.88 -21.58
C GLU B 280 17.55 -2.65 -21.93
N MET B 281 17.07 -1.46 -21.61
CA MET B 281 17.80 -0.25 -21.97
C MET B 281 19.03 -0.03 -21.08
N SER B 282 18.97 -0.47 -19.84
CA SER B 282 20.13 -0.36 -18.96
C SER B 282 21.26 -1.18 -19.50
N ARG B 283 20.94 -2.38 -20.00
CA ARG B 283 22.00 -3.25 -20.56
C ARG B 283 22.57 -2.63 -21.84
N MET B 284 21.70 -2.12 -22.71
CA MET B 284 22.16 -1.45 -23.93
C MET B 284 23.05 -0.27 -23.63
N ALA B 285 22.63 0.54 -22.66
CA ALA B 285 23.38 1.73 -22.25
C ALA B 285 24.74 1.41 -21.68
N LYS B 286 24.79 0.36 -20.84
CA LYS B 286 26.02 -0.11 -20.25
C LYS B 286 27.01 -0.57 -21.32
N MET B 287 26.51 -1.26 -22.33
CA MET B 287 27.31 -1.66 -23.45
C MET B 287 27.81 -0.47 -24.27
N MET B 288 26.93 0.46 -24.58
CA MET B 288 27.32 1.66 -25.32
C MET B 288 28.40 2.43 -24.58
N ASP B 289 28.23 2.58 -23.28
CA ASP B 289 29.13 3.35 -22.42
C ASP B 289 30.54 2.74 -22.48
N ALA B 290 30.61 1.41 -22.45
CA ALA B 290 31.87 0.72 -22.51
C ALA B 290 32.53 0.95 -23.86
N MET B 291 31.77 0.90 -24.95
CA MET B 291 32.33 1.07 -26.27
C MET B 291 32.81 2.50 -26.50
N ILE B 292 32.05 3.48 -26.06
CA ILE B 292 32.44 4.86 -26.34
C ILE B 292 33.47 5.36 -25.31
N GLY B 293 33.71 4.60 -24.25
CA GLY B 293 34.70 4.93 -23.23
C GLY B 293 34.18 5.88 -22.16
N LYS B 294 32.87 5.86 -21.87
CA LYS B 294 32.29 6.68 -20.80
C LYS B 294 32.61 5.99 -19.48
#